data_8P7S
#
_entry.id   8P7S
#
_cell.length_a   69.540
_cell.length_b   69.540
_cell.length_c   185.840
_cell.angle_alpha   90.00
_cell.angle_beta   90.00
_cell.angle_gamma   90.00
#
_symmetry.space_group_name_H-M   'P 43 21 2'
#
loop_
_entity.id
_entity.type
_entity.pdbx_description
1 polymer 'Parathion hydrolase'
2 non-polymer 'FORMIC ACID'
3 non-polymer 'ZINC ION'
4 non-polymer 1-ethyl-1-methyl-cyclohexane
5 non-polymer 'SULFATE ION'
6 non-polymer 1,2-ETHANEDIOL
7 non-polymer 'O-ETHYLMETHYLPHOSPHONIC ACID ESTER GROUP'
8 water water
#
_entity_poly.entity_id   1
_entity_poly.type   'polypeptide(L)'
_entity_poly.pdbx_seq_one_letter_code
;GDRINTVRGPITISEAGFTLTHEHICGSSAGFLRAWPEFFGSRAALVEKAVRGLRRARAAGVRTIVDVSTFDIGRDVSLL
AEVSRAADVHIVAATGLWEDPPLSMRLRSVEELTQFFLREIQYGIEDTGIRAGIIKVATNGKATPFQELVLRAAARASLA
TGVPVTTHTAASQRDGEQQAAIFESEGLSPSRVCIGHSDDTDDLSYLTALAARGYLIGLDGIPHSAIGLEDNASASALLG
NRSWQTRALLIKALIDQGYMKQILVSNDWLFGFSSYVTNIMDVMDSVNPDGMAFIPLRVIPFLREKGVSQETLAGITVTN
PARFLSPT
;
_entity_poly.pdbx_strand_id   A
#
loop_
_chem_comp.id
_chem_comp.type
_chem_comp.name
_chem_comp.formula
E8N non-polymer 1-ethyl-1-methyl-cyclohexane 'C9 H18'
EDO non-polymer 1,2-ETHANEDIOL 'C2 H6 O2'
FMT non-polymer 'FORMIC ACID' 'C H2 O2'
SO4 non-polymer 'SULFATE ION' 'O4 S -2'
VX non-polymer 'O-ETHYLMETHYLPHOSPHONIC ACID ESTER GROUP' 'C3 H9 O3 P'
ZN non-polymer 'ZINC ION' 'Zn 2'
#
# COMPACT_ATOMS: atom_id res chain seq x y z
N ASP A 2 -7.20 -15.06 -13.76
CA ASP A 2 -5.99 -15.27 -14.55
C ASP A 2 -5.39 -13.93 -14.99
N ARG A 3 -6.03 -12.82 -14.60
CA ARG A 3 -5.56 -11.51 -15.01
C ARG A 3 -5.68 -10.53 -13.84
N ILE A 4 -4.72 -9.61 -13.76
CA ILE A 4 -4.72 -8.52 -12.78
C ILE A 4 -4.97 -7.23 -13.54
N ASN A 5 -5.90 -6.41 -13.05
CA ASN A 5 -6.15 -5.13 -13.69
C ASN A 5 -5.11 -4.10 -13.30
N THR A 6 -4.57 -3.39 -14.29
CA THR A 6 -3.64 -2.30 -14.11
C THR A 6 -4.21 -1.05 -14.78
N VAL A 7 -3.53 0.07 -14.59
CA VAL A 7 -4.00 1.32 -15.19
C VAL A 7 -3.82 1.32 -16.69
N ARG A 8 -3.14 0.32 -17.26
CA ARG A 8 -3.06 0.16 -18.71
C ARG A 8 -3.80 -1.08 -19.20
N GLY A 9 -4.60 -1.71 -18.34
CA GLY A 9 -5.36 -2.86 -18.75
C GLY A 9 -4.95 -4.14 -18.03
N PRO A 10 -5.57 -5.25 -18.41
CA PRO A 10 -5.25 -6.53 -17.76
C PRO A 10 -3.86 -7.01 -18.11
N ILE A 11 -3.19 -7.63 -17.13
CA ILE A 11 -1.90 -8.27 -17.36
C ILE A 11 -1.97 -9.68 -16.79
N THR A 12 -1.11 -10.55 -17.32
CA THR A 12 -1.07 -11.90 -16.80
C THR A 12 -0.30 -11.93 -15.49
N ILE A 13 -0.49 -13.00 -14.73
CA ILE A 13 0.17 -13.12 -13.43
C ILE A 13 1.69 -13.11 -13.60
N SER A 14 2.19 -13.78 -14.64
CA SER A 14 3.63 -13.82 -14.84
C SER A 14 4.18 -12.45 -15.22
N GLU A 15 3.37 -11.58 -15.82
CA GLU A 15 3.84 -10.25 -16.20
C GLU A 15 4.07 -9.35 -14.99
N ALA A 16 3.45 -9.65 -13.85
CA ALA A 16 3.58 -8.77 -12.70
C ALA A 16 5.01 -8.70 -12.20
N GLY A 17 5.69 -9.85 -12.14
CA GLY A 17 7.07 -9.87 -11.73
C GLY A 17 7.26 -9.31 -10.32
N PHE A 18 8.45 -8.79 -10.06
CA PHE A 18 8.78 -8.14 -8.79
C PHE A 18 7.79 -7.01 -8.54
N THR A 19 7.03 -7.12 -7.45
CA THR A 19 5.91 -6.21 -7.19
C THR A 19 6.04 -5.59 -5.81
N LEU A 20 5.99 -4.26 -5.74
CA LEU A 20 5.88 -3.51 -4.50
C LEU A 20 4.40 -3.31 -4.20
N THR A 21 3.93 -3.79 -3.05
CA THR A 21 2.49 -3.93 -2.84
C THR A 21 1.85 -2.77 -2.08
N HIS A 22 2.61 -1.77 -1.66
CA HIS A 22 2.02 -0.61 -0.98
C HIS A 22 2.87 0.61 -1.32
N GLU A 23 2.44 1.37 -2.33
CA GLU A 23 3.16 2.55 -2.78
C GLU A 23 2.16 3.62 -3.17
N HIS A 24 2.66 4.83 -3.44
CA HIS A 24 1.83 5.93 -3.91
C HIS A 24 2.59 6.72 -4.98
N ILE A 25 1.91 7.08 -6.07
CA ILE A 25 2.50 8.12 -6.92
C ILE A 25 2.40 9.46 -6.20
N CYS A 26 1.23 9.77 -5.67
CA CYS A 26 1.00 11.04 -5.00
C CYS A 26 0.05 10.81 -3.82
N GLY A 27 0.48 11.26 -2.64
CA GLY A 27 -0.40 11.23 -1.48
C GLY A 27 -1.05 12.59 -1.32
N SER A 28 -2.32 12.68 -1.67
CA SER A 28 -2.98 13.97 -1.74
C SER A 28 -4.41 13.85 -1.22
N SER A 29 -5.32 14.61 -1.81
CA SER A 29 -6.73 14.59 -1.46
C SER A 29 -7.55 14.71 -2.73
N ALA A 30 -8.80 14.25 -2.66
CA ALA A 30 -9.65 14.24 -3.86
C ALA A 30 -9.75 15.64 -4.44
N GLY A 31 -9.49 15.74 -5.75
CA GLY A 31 -9.58 16.99 -6.48
C GLY A 31 -8.44 17.97 -6.30
N PHE A 32 -7.49 17.66 -5.42
CA PHE A 32 -6.49 18.65 -5.02
C PHE A 32 -5.46 18.90 -6.12
N LEU A 33 -4.96 17.83 -6.75
CA LEU A 33 -4.01 18.02 -7.84
C LEU A 33 -4.64 18.80 -8.99
N ARG A 34 -5.93 18.60 -9.22
CA ARG A 34 -6.64 19.31 -10.28
C ARG A 34 -6.80 20.79 -9.93
N ALA A 35 -7.09 21.10 -8.68
CA ALA A 35 -7.37 22.48 -8.27
C ALA A 35 -6.11 23.29 -7.93
N TRP A 36 -5.02 22.64 -7.56
CA TRP A 36 -3.88 23.38 -7.04
C TRP A 36 -2.58 22.69 -7.46
N PRO A 37 -2.35 22.51 -8.76
CA PRO A 37 -1.15 21.79 -9.19
C PRO A 37 0.13 22.48 -8.79
N GLU A 38 0.10 23.80 -8.62
CA GLU A 38 1.28 24.55 -8.23
C GLU A 38 1.83 24.13 -6.88
N PHE A 39 1.01 23.49 -6.04
CA PHE A 39 1.52 23.00 -4.77
C PHE A 39 2.67 22.04 -4.99
N PHE A 40 2.64 21.29 -6.10
CA PHE A 40 3.67 20.32 -6.44
C PHE A 40 4.70 20.92 -7.41
N GLY A 41 4.77 22.24 -7.48
CA GLY A 41 5.52 22.91 -8.53
C GLY A 41 4.66 23.04 -9.76
N SER A 42 4.36 21.90 -10.39
CA SER A 42 3.44 21.80 -11.50
C SER A 42 3.08 20.33 -11.65
N ARG A 43 1.98 20.07 -12.36
CA ARG A 43 1.66 18.68 -12.69
C ARG A 43 2.80 18.04 -13.48
N ALA A 44 3.35 18.75 -14.46
CA ALA A 44 4.43 18.16 -15.25
C ALA A 44 5.64 17.82 -14.39
N ALA A 45 5.96 18.66 -13.42
CA ALA A 45 7.08 18.36 -12.52
C ALA A 45 6.83 17.09 -11.72
N LEU A 46 5.58 16.92 -11.26
CA LEU A 46 5.26 15.71 -10.50
C LEU A 46 5.36 14.48 -11.38
N VAL A 47 4.84 14.56 -12.60
CA VAL A 47 4.96 13.46 -13.56
C VAL A 47 6.43 13.11 -13.78
N GLU A 48 7.27 14.12 -14.02
CA GLU A 48 8.68 13.88 -14.31
C GLU A 48 9.38 13.23 -13.12
N LYS A 49 9.09 13.71 -11.91
CA LYS A 49 9.69 13.14 -10.71
C LYS A 49 9.27 11.67 -10.54
N ALA A 50 7.99 11.37 -10.78
CA ALA A 50 7.51 10.00 -10.65
C ALA A 50 8.12 9.08 -11.70
N VAL A 51 8.22 9.56 -12.93
CA VAL A 51 8.79 8.75 -14.00
C VAL A 51 10.26 8.46 -13.70
N ARG A 52 11.02 9.47 -13.27
CA ARG A 52 12.42 9.24 -12.92
C ARG A 52 12.53 8.21 -11.81
N GLY A 53 11.69 8.32 -10.78
CA GLY A 53 11.77 7.39 -9.67
C GLY A 53 11.39 5.98 -10.06
N LEU A 54 10.32 5.82 -10.86
CA LEU A 54 9.92 4.48 -11.26
C LEU A 54 10.92 3.86 -12.22
N ARG A 55 11.57 4.69 -13.06
CA ARG A 55 12.61 4.16 -13.92
C ARG A 55 13.78 3.66 -13.10
N ARG A 56 14.14 4.37 -12.02
CA ARG A 56 15.21 3.88 -11.16
C ARG A 56 14.79 2.62 -10.43
N ALA A 57 13.52 2.51 -10.03
CA ALA A 57 13.02 1.27 -9.43
C ALA A 57 13.06 0.12 -10.44
N ARG A 58 12.66 0.38 -11.68
CA ARG A 58 12.68 -0.67 -12.69
C ARG A 58 14.09 -1.15 -12.95
N ALA A 59 15.06 -0.23 -12.95
CA ALA A 59 16.46 -0.62 -13.14
C ALA A 59 16.95 -1.52 -12.02
N ALA A 60 16.40 -1.34 -10.82
CA ALA A 60 16.74 -2.17 -9.66
C ALA A 60 15.94 -3.47 -9.60
N GLY A 61 15.02 -3.71 -10.52
CA GLY A 61 14.32 -4.98 -10.62
C GLY A 61 12.82 -4.91 -10.46
N VAL A 62 12.26 -3.78 -10.03
CA VAL A 62 10.81 -3.67 -9.86
C VAL A 62 10.11 -3.72 -11.21
N ARG A 63 9.01 -4.47 -11.28
CA ARG A 63 8.22 -4.51 -12.51
C ARG A 63 6.81 -4.01 -12.33
N THR A 64 6.27 -4.02 -11.11
CA THR A 64 4.90 -3.61 -10.83
C THR A 64 4.89 -2.89 -9.49
N ILE A 65 4.11 -1.81 -9.37
CA ILE A 65 3.77 -1.30 -8.04
C ILE A 65 2.26 -1.31 -7.89
N VAL A 66 1.81 -1.50 -6.66
CA VAL A 66 0.41 -1.35 -6.30
C VAL A 66 0.27 0.03 -5.67
N ASP A 67 -0.42 0.94 -6.37
CA ASP A 67 -0.68 2.27 -5.84
C ASP A 67 -1.93 2.18 -4.98
N VAL A 68 -1.75 2.24 -3.67
CA VAL A 68 -2.88 2.03 -2.78
C VAL A 68 -3.54 3.37 -2.42
N SER A 69 -3.42 4.36 -3.29
CA SER A 69 -4.16 5.61 -3.12
C SER A 69 -5.62 5.42 -3.46
N THR A 70 -6.51 5.78 -2.53
CA THR A 70 -7.94 5.74 -2.71
C THR A 70 -8.45 7.07 -3.27
N PHE A 71 -9.78 7.13 -3.45
CA PHE A 71 -10.50 8.38 -3.71
C PHE A 71 -10.02 9.52 -2.80
N ASP A 72 -9.97 9.28 -1.48
CA ASP A 72 -9.66 10.37 -0.56
C ASP A 72 -8.16 10.59 -0.37
N ILE A 73 -7.30 9.76 -0.97
CA ILE A 73 -5.88 10.09 -1.12
C ILE A 73 -5.67 10.89 -2.40
N GLY A 74 -6.73 11.19 -3.13
CA GLY A 74 -6.60 11.99 -4.33
C GLY A 74 -6.07 11.23 -5.50
N ARG A 75 -6.24 9.91 -5.51
CA ARG A 75 -5.87 9.07 -6.64
C ARG A 75 -6.33 9.66 -7.96
N ASP A 76 -5.39 9.82 -8.87
CA ASP A 76 -5.65 10.31 -10.23
C ASP A 76 -5.19 9.23 -11.19
N VAL A 77 -6.10 8.33 -11.60
CA VAL A 77 -5.64 7.20 -12.39
C VAL A 77 -5.12 7.62 -13.75
N SER A 78 -5.53 8.79 -14.26
N SER A 78 -5.53 8.79 -14.26
CA SER A 78 -4.94 9.28 -15.50
CA SER A 78 -4.94 9.28 -15.50
C SER A 78 -3.47 9.64 -15.30
C SER A 78 -3.47 9.64 -15.30
N LEU A 79 -3.13 10.19 -14.13
CA LEU A 79 -1.73 10.42 -13.80
C LEU A 79 -0.96 9.10 -13.68
N LEU A 80 -1.56 8.11 -13.01
CA LEU A 80 -0.90 6.83 -12.88
C LEU A 80 -0.65 6.19 -14.25
N ALA A 81 -1.65 6.26 -15.13
CA ALA A 81 -1.49 5.68 -16.47
C ALA A 81 -0.36 6.36 -17.23
N GLU A 82 -0.28 7.70 -17.14
CA GLU A 82 0.78 8.42 -17.82
C GLU A 82 2.14 8.00 -17.29
N VAL A 83 2.27 7.89 -15.97
CA VAL A 83 3.56 7.56 -15.37
C VAL A 83 3.93 6.10 -15.68
N SER A 84 2.94 5.22 -15.68
CA SER A 84 3.20 3.80 -15.93
C SER A 84 3.67 3.57 -17.36
N ARG A 85 3.08 4.30 -18.30
CA ARG A 85 3.49 4.18 -19.72
C ARG A 85 4.92 4.71 -19.89
N ALA A 86 5.22 5.86 -19.29
CA ALA A 86 6.52 6.48 -19.51
C ALA A 86 7.65 5.71 -18.84
N ALA A 87 7.37 5.06 -17.71
CA ALA A 87 8.40 4.35 -16.97
C ALA A 87 8.46 2.86 -17.27
N ASP A 88 7.48 2.32 -17.99
CA ASP A 88 7.41 0.87 -18.26
C ASP A 88 7.37 0.07 -16.97
N VAL A 89 6.57 0.54 -16.01
CA VAL A 89 6.29 -0.17 -14.77
C VAL A 89 4.78 -0.32 -14.65
N HIS A 90 4.31 -1.54 -14.44
CA HIS A 90 2.88 -1.75 -14.24
C HIS A 90 2.44 -1.06 -12.96
N ILE A 91 1.24 -0.47 -12.97
CA ILE A 91 0.66 0.12 -11.76
C ILE A 91 -0.74 -0.43 -11.56
N VAL A 92 -0.99 -1.05 -10.41
CA VAL A 92 -2.33 -1.48 -10.02
C VAL A 92 -2.95 -0.36 -9.20
N ALA A 93 -4.17 0.05 -9.56
CA ALA A 93 -4.87 1.11 -8.85
C ALA A 93 -5.79 0.52 -7.80
N ALA A 94 -6.18 1.37 -6.84
CA ALA A 94 -7.00 0.95 -5.70
C ALA A 94 -8.36 1.63 -5.71
N THR A 95 -9.34 0.96 -5.11
CA THR A 95 -10.56 1.58 -4.64
C THR A 95 -10.54 1.51 -3.11
N GLY A 96 -11.67 1.81 -2.49
CA GLY A 96 -11.75 1.82 -1.03
C GLY A 96 -11.74 3.24 -0.50
N LEU A 97 -11.57 3.36 0.82
CA LEU A 97 -11.45 4.67 1.47
C LEU A 97 -10.42 4.60 2.57
N TRP A 98 -9.66 5.68 2.69
CA TRP A 98 -8.57 5.82 3.66
C TRP A 98 -9.10 6.62 4.84
N GLU A 99 -8.26 7.40 5.51
CA GLU A 99 -8.65 8.02 6.77
C GLU A 99 -9.24 9.42 6.62
N ASP A 100 -9.47 9.89 5.39
CA ASP A 100 -9.93 11.27 5.18
C ASP A 100 -11.14 11.35 4.24
N PRO A 101 -12.16 10.50 4.43
CA PRO A 101 -13.32 10.56 3.54
C PRO A 101 -14.11 11.84 3.77
N PRO A 102 -14.63 12.45 2.71
CA PRO A 102 -15.47 13.64 2.86
C PRO A 102 -16.88 13.25 3.29
N LEU A 103 -17.68 14.27 3.58
CA LEU A 103 -19.06 14.05 4.03
C LEU A 103 -19.85 13.18 3.07
N SER A 104 -19.69 13.40 1.75
CA SER A 104 -20.47 12.63 0.78
C SER A 104 -20.16 11.14 0.83
N MET A 105 -19.00 10.76 1.36
CA MET A 105 -18.72 9.34 1.62
C MET A 105 -19.15 8.93 3.04
N ARG A 106 -18.82 9.77 4.04
CA ARG A 106 -19.02 9.41 5.45
C ARG A 106 -20.48 9.21 5.82
N LEU A 107 -21.41 9.74 5.03
CA LEU A 107 -22.83 9.62 5.31
C LEU A 107 -23.45 8.40 4.64
N ARG A 108 -22.67 7.61 3.93
CA ARG A 108 -23.22 6.51 3.14
C ARG A 108 -23.38 5.23 3.96
N SER A 109 -24.28 4.38 3.49
CA SER A 109 -24.55 3.09 4.10
C SER A 109 -23.54 2.05 3.61
N VAL A 110 -23.53 0.88 4.28
CA VAL A 110 -22.67 -0.21 3.84
C VAL A 110 -23.04 -0.63 2.42
N GLU A 111 -24.33 -0.66 2.11
CA GLU A 111 -24.76 -1.05 0.76
C GLU A 111 -24.30 -0.03 -0.27
N GLU A 112 -24.46 1.26 0.02
CA GLU A 112 -24.01 2.29 -0.91
C GLU A 112 -22.50 2.22 -1.13
N LEU A 113 -21.73 2.08 -0.06
CA LEU A 113 -20.28 1.95 -0.21
C LEU A 113 -19.91 0.74 -1.06
N THR A 114 -20.61 -0.37 -0.86
CA THR A 114 -20.31 -1.56 -1.66
C THR A 114 -20.53 -1.26 -3.14
N GLN A 115 -21.63 -0.56 -3.46
CA GLN A 115 -21.85 -0.16 -4.85
C GLN A 115 -20.69 0.66 -5.39
N PHE A 116 -20.20 1.61 -4.60
CA PHE A 116 -19.12 2.46 -5.07
C PHE A 116 -17.83 1.67 -5.30
N PHE A 117 -17.47 0.80 -4.35
CA PHE A 117 -16.27 0.00 -4.53
C PHE A 117 -16.41 -0.92 -5.73
N LEU A 118 -17.58 -1.55 -5.87
CA LEU A 118 -17.83 -2.41 -7.03
C LEU A 118 -17.77 -1.61 -8.33
N ARG A 119 -18.21 -0.35 -8.31
CA ARG A 119 -18.11 0.46 -9.52
C ARG A 119 -16.67 0.57 -9.98
N GLU A 120 -15.77 0.85 -9.04
CA GLU A 120 -14.39 1.10 -9.43
C GLU A 120 -13.65 -0.19 -9.79
N ILE A 121 -14.11 -1.34 -9.27
CA ILE A 121 -13.50 -2.62 -9.62
C ILE A 121 -14.05 -3.16 -10.93
N GLN A 122 -15.37 -3.06 -11.12
CA GLN A 122 -16.07 -3.81 -12.16
C GLN A 122 -16.36 -2.99 -13.40
N TYR A 123 -16.47 -1.67 -13.27
CA TYR A 123 -16.85 -0.80 -14.36
C TYR A 123 -15.73 0.14 -14.74
N GLY A 124 -15.31 0.99 -13.81
CA GLY A 124 -14.17 1.85 -14.03
C GLY A 124 -14.14 2.96 -13.02
N ILE A 125 -12.99 3.61 -12.96
CA ILE A 125 -12.77 4.75 -12.09
C ILE A 125 -13.10 6.01 -12.88
N GLU A 126 -14.03 6.81 -12.34
CA GLU A 126 -14.52 8.02 -13.01
CA GLU A 126 -14.51 8.03 -13.00
C GLU A 126 -14.97 7.62 -14.40
N ASP A 127 -14.57 8.35 -15.46
CA ASP A 127 -14.93 8.02 -16.83
C ASP A 127 -13.75 7.42 -17.60
N THR A 128 -12.78 6.84 -16.90
CA THR A 128 -11.54 6.40 -17.52
C THR A 128 -11.57 4.96 -18.02
N GLY A 129 -12.52 4.15 -17.55
CA GLY A 129 -12.49 2.73 -17.84
C GLY A 129 -11.40 1.96 -17.13
N ILE A 130 -10.56 2.63 -16.34
CA ILE A 130 -9.51 1.96 -15.59
C ILE A 130 -10.12 1.32 -14.34
N ARG A 131 -9.86 0.05 -14.14
CA ARG A 131 -10.49 -0.70 -13.05
C ARG A 131 -9.48 -0.95 -11.93
N ALA A 132 -9.95 -0.84 -10.70
CA ALA A 132 -9.09 -1.08 -9.55
C ALA A 132 -8.81 -2.58 -9.39
N GLY A 133 -7.60 -2.89 -8.95
CA GLY A 133 -7.19 -4.25 -8.68
C GLY A 133 -7.00 -4.56 -7.21
N ILE A 134 -7.36 -3.65 -6.31
CA ILE A 134 -7.22 -3.85 -4.87
C ILE A 134 -8.17 -2.88 -4.20
N ILE A 135 -8.59 -3.20 -2.98
CA ILE A 135 -9.45 -2.36 -2.15
C ILE A 135 -8.64 -1.96 -0.92
N LYS A 136 -8.52 -0.65 -0.66
CA LYS A 136 -7.75 -0.12 0.46
C LYS A 136 -8.70 0.43 1.53
N VAL A 137 -8.47 0.09 2.80
CA VAL A 137 -9.27 0.58 3.92
C VAL A 137 -8.34 1.01 5.05
N ALA A 138 -8.91 1.66 6.07
CA ALA A 138 -8.06 2.25 7.10
C ALA A 138 -8.78 2.37 8.43
N THR A 139 -8.04 2.13 9.52
CA THR A 139 -8.40 2.57 10.86
C THR A 139 -7.16 3.18 11.51
N ASN A 140 -7.38 4.01 12.54
CA ASN A 140 -6.30 4.54 13.39
C ASN A 140 -6.75 4.36 14.83
N GLY A 141 -6.56 3.16 15.36
CA GLY A 141 -7.18 2.80 16.62
C GLY A 141 -8.52 2.13 16.38
N LYS A 142 -9.34 2.11 17.42
CA LYS A 142 -10.69 1.58 17.30
C LYS A 142 -11.41 2.22 16.11
N ALA A 143 -12.07 1.38 15.31
CA ALA A 143 -12.75 1.87 14.13
C ALA A 143 -13.87 2.83 14.51
N THR A 144 -13.97 3.93 13.78
CA THR A 144 -15.16 4.76 13.88
C THR A 144 -16.35 3.98 13.34
N PRO A 145 -17.58 4.39 13.68
CA PRO A 145 -18.74 3.71 13.08
C PRO A 145 -18.67 3.66 11.56
N PHE A 146 -18.25 4.76 10.92
CA PHE A 146 -18.18 4.75 9.47
C PHE A 146 -17.11 3.78 8.99
N GLN A 147 -15.96 3.74 9.69
CA GLN A 147 -14.91 2.82 9.25
C GLN A 147 -15.37 1.37 9.33
N GLU A 148 -16.20 1.03 10.32
CA GLU A 148 -16.79 -0.31 10.34
C GLU A 148 -17.55 -0.58 9.05
N LEU A 149 -18.33 0.39 8.58
CA LEU A 149 -19.06 0.21 7.33
C LEU A 149 -18.10 0.04 6.15
N VAL A 150 -17.02 0.82 6.12
CA VAL A 150 -16.06 0.71 5.03
C VAL A 150 -15.44 -0.68 4.99
N LEU A 151 -15.04 -1.20 6.16
N LEU A 151 -15.06 -1.21 6.16
CA LEU A 151 -14.46 -2.53 6.22
CA LEU A 151 -14.45 -2.54 6.19
C LEU A 151 -15.45 -3.59 5.73
C LEU A 151 -15.45 -3.60 5.74
N ARG A 152 -16.71 -3.47 6.12
CA ARG A 152 -17.72 -4.43 5.70
C ARG A 152 -17.97 -4.34 4.20
N ALA A 153 -18.04 -3.12 3.67
CA ALA A 153 -18.23 -2.93 2.24
C ALA A 153 -17.05 -3.45 1.44
N ALA A 154 -15.82 -3.24 1.94
CA ALA A 154 -14.65 -3.80 1.29
C ALA A 154 -14.73 -5.31 1.23
N ALA A 155 -15.14 -5.94 2.34
CA ALA A 155 -15.32 -7.40 2.35
C ALA A 155 -16.35 -7.83 1.32
N ARG A 156 -17.46 -7.12 1.23
CA ARG A 156 -18.50 -7.49 0.28
C ARG A 156 -18.02 -7.35 -1.17
N ALA A 157 -17.33 -6.24 -1.45
CA ALA A 157 -16.79 -6.07 -2.80
C ALA A 157 -15.76 -7.13 -3.13
N SER A 158 -14.96 -7.53 -2.14
CA SER A 158 -13.96 -8.55 -2.43
C SER A 158 -14.62 -9.92 -2.62
N LEU A 159 -15.65 -10.21 -1.83
CA LEU A 159 -16.36 -11.48 -1.97
C LEU A 159 -17.04 -11.61 -3.32
N ALA A 160 -17.49 -10.48 -3.90
CA ALA A 160 -18.15 -10.52 -5.20
C ALA A 160 -17.16 -10.61 -6.36
N THR A 161 -15.93 -10.12 -6.18
CA THR A 161 -15.02 -9.98 -7.30
C THR A 161 -13.74 -10.80 -7.20
N GLY A 162 -13.35 -11.23 -6.00
CA GLY A 162 -12.08 -11.89 -5.79
C GLY A 162 -10.90 -10.97 -5.63
N VAL A 163 -11.11 -9.66 -5.74
CA VAL A 163 -10.04 -8.67 -5.60
C VAL A 163 -9.66 -8.56 -4.12
N PRO A 164 -8.38 -8.46 -3.77
CA PRO A 164 -7.97 -8.46 -2.37
C PRO A 164 -8.20 -7.11 -1.69
N VAL A 165 -8.09 -7.15 -0.37
CA VAL A 165 -8.20 -5.98 0.51
C VAL A 165 -6.86 -5.74 1.16
N THR A 166 -6.46 -4.47 1.27
CA THR A 166 -5.24 -4.13 1.99
C THR A 166 -5.55 -2.98 2.95
N THR A 167 -4.93 -2.98 4.13
CA THR A 167 -5.37 -2.06 5.16
C THR A 167 -4.26 -1.14 5.64
N HIS A 168 -4.69 0.04 6.09
CA HIS A 168 -3.90 0.94 6.91
C HIS A 168 -4.26 0.67 8.36
N THR A 169 -3.24 0.54 9.22
CA THR A 169 -3.46 0.37 10.67
C THR A 169 -2.62 1.38 11.45
N ALA A 170 -3.05 1.60 12.70
CA ALA A 170 -2.19 2.01 13.79
C ALA A 170 -1.71 0.72 14.45
N ALA A 171 -0.55 0.23 14.00
CA ALA A 171 -0.14 -1.13 14.34
C ALA A 171 0.12 -1.26 15.84
N SER A 172 0.65 -0.21 16.47
CA SER A 172 0.92 -0.28 17.89
CA SER A 172 0.91 -0.23 17.90
C SER A 172 -0.36 -0.38 18.73
N GLN A 173 -1.53 -0.06 18.16
CA GLN A 173 -2.81 -0.25 18.83
CA GLN A 173 -2.82 -0.23 18.79
C GLN A 173 -3.46 -1.57 18.45
N ARG A 174 -2.79 -2.40 17.67
CA ARG A 174 -3.26 -3.74 17.28
C ARG A 174 -4.57 -3.66 16.50
N ASP A 175 -4.69 -2.64 15.63
CA ASP A 175 -5.91 -2.45 14.84
C ASP A 175 -6.27 -3.69 14.05
N GLY A 176 -5.26 -4.42 13.57
CA GLY A 176 -5.53 -5.56 12.72
C GLY A 176 -6.47 -6.57 13.36
N GLU A 177 -6.49 -6.63 14.69
CA GLU A 177 -7.37 -7.60 15.34
C GLU A 177 -8.83 -7.24 15.14
N GLN A 178 -9.19 -5.95 15.27
CA GLN A 178 -10.57 -5.57 15.00
C GLN A 178 -10.88 -5.64 13.51
N GLN A 179 -9.93 -5.25 12.66
CA GLN A 179 -10.16 -5.36 11.23
C GLN A 179 -10.48 -6.80 10.84
N ALA A 180 -9.65 -7.73 11.33
CA ALA A 180 -9.90 -9.16 11.09
C ALA A 180 -11.29 -9.57 11.55
N ALA A 181 -11.69 -9.14 12.74
CA ALA A 181 -12.99 -9.54 13.26
C ALA A 181 -14.12 -9.07 12.36
N ILE A 182 -14.03 -7.83 11.87
CA ILE A 182 -15.08 -7.30 11.02
C ILE A 182 -15.09 -8.02 9.68
N PHE A 183 -13.90 -8.19 9.07
CA PHE A 183 -13.82 -8.92 7.80
C PHE A 183 -14.41 -10.32 7.93
N GLU A 184 -14.04 -11.03 9.00
CA GLU A 184 -14.51 -12.40 9.14
C GLU A 184 -16.00 -12.45 9.43
N SER A 185 -16.55 -11.41 10.09
CA SER A 185 -18.00 -11.37 10.30
C SER A 185 -18.76 -11.27 8.98
N GLU A 186 -18.11 -10.78 7.93
CA GLU A 186 -18.72 -10.74 6.60
C GLU A 186 -18.40 -11.96 5.76
N GLY A 187 -17.61 -12.90 6.27
CA GLY A 187 -17.28 -14.10 5.52
C GLY A 187 -16.06 -14.02 4.64
N LEU A 188 -15.24 -12.99 4.80
CA LEU A 188 -14.07 -12.82 3.94
C LEU A 188 -12.93 -13.73 4.40
N SER A 189 -12.29 -14.39 3.44
CA SER A 189 -11.13 -15.22 3.76
C SER A 189 -9.93 -14.35 4.12
N PRO A 190 -9.24 -14.63 5.23
CA PRO A 190 -8.01 -13.89 5.54
C PRO A 190 -6.98 -13.93 4.43
N SER A 191 -6.98 -14.96 3.60
CA SER A 191 -6.02 -15.03 2.51
C SER A 191 -6.28 -13.97 1.44
N ARG A 192 -7.38 -13.22 1.54
CA ARG A 192 -7.65 -12.12 0.63
C ARG A 192 -7.31 -10.78 1.25
N VAL A 193 -6.66 -10.75 2.41
CA VAL A 193 -6.49 -9.52 3.19
C VAL A 193 -5.03 -9.36 3.58
N CYS A 194 -4.47 -8.17 3.31
CA CYS A 194 -3.17 -7.78 3.85
C CYS A 194 -3.38 -6.73 4.94
N ILE A 195 -2.91 -7.02 6.15
CA ILE A 195 -2.94 -6.05 7.24
C ILE A 195 -1.66 -5.22 7.15
N GLY A 196 -1.81 -3.94 6.76
CA GLY A 196 -0.67 -3.12 6.40
C GLY A 196 -0.15 -2.27 7.56
N HIS A 197 0.95 -1.58 7.26
CA HIS A 197 1.75 -0.84 8.25
C HIS A 197 2.13 -1.72 9.43
N SER A 198 2.19 -3.02 9.21
CA SER A 198 2.52 -3.92 10.31
C SER A 198 3.97 -3.85 10.72
N ASP A 199 4.84 -3.23 9.92
CA ASP A 199 6.21 -3.02 10.38
C ASP A 199 6.34 -1.84 11.34
N ASP A 200 5.23 -1.15 11.64
CA ASP A 200 5.25 -0.07 12.61
C ASP A 200 5.28 -0.56 14.06
N THR A 201 5.19 -1.87 14.28
CA THR A 201 5.20 -2.43 15.63
C THR A 201 6.25 -3.53 15.71
N ASP A 202 6.74 -3.76 16.93
CA ASP A 202 7.63 -4.88 17.19
C ASP A 202 6.92 -6.04 17.88
N ASP A 203 5.59 -5.95 18.05
CA ASP A 203 4.85 -6.92 18.87
C ASP A 203 4.64 -8.19 18.06
N LEU A 204 5.48 -9.19 18.29
CA LEU A 204 5.36 -10.46 17.57
C LEU A 204 4.11 -11.24 17.94
N SER A 205 3.58 -11.02 19.14
N SER A 205 3.58 -11.05 19.14
CA SER A 205 2.35 -11.71 19.52
CA SER A 205 2.34 -11.74 19.46
C SER A 205 1.17 -11.21 18.68
C SER A 205 1.22 -11.23 18.58
N TYR A 206 1.17 -9.93 18.34
CA TYR A 206 0.17 -9.35 17.47
C TYR A 206 0.36 -9.83 16.02
N LEU A 207 1.59 -9.72 15.51
CA LEU A 207 1.83 -10.11 14.12
C LEU A 207 1.54 -11.58 13.90
N THR A 208 1.97 -12.44 14.83
CA THR A 208 1.74 -13.87 14.58
C THR A 208 0.30 -14.26 14.81
N ALA A 209 -0.43 -13.53 15.68
CA ALA A 209 -1.86 -13.79 15.82
C ALA A 209 -2.58 -13.56 14.50
N LEU A 210 -2.20 -12.51 13.76
CA LEU A 210 -2.79 -12.28 12.45
C LEU A 210 -2.34 -13.35 11.45
N ALA A 211 -1.03 -13.61 11.38
CA ALA A 211 -0.53 -14.56 10.39
C ALA A 211 -1.06 -15.96 10.65
N ALA A 212 -1.26 -16.33 11.91
CA ALA A 212 -1.75 -17.67 12.22
C ALA A 212 -3.15 -17.91 11.64
N ARG A 213 -3.98 -16.86 11.58
CA ARG A 213 -5.32 -16.96 10.99
C ARG A 213 -5.31 -16.97 9.48
N GLY A 214 -4.17 -16.67 8.84
CA GLY A 214 -4.09 -16.68 7.40
C GLY A 214 -3.94 -15.31 6.75
N TYR A 215 -3.88 -14.24 7.53
CA TYR A 215 -3.70 -12.90 6.96
C TYR A 215 -2.33 -12.74 6.34
N LEU A 216 -2.27 -11.94 5.27
CA LEU A 216 -0.99 -11.47 4.79
C LEU A 216 -0.56 -10.27 5.63
N ILE A 217 0.74 -10.16 5.85
CA ILE A 217 1.29 -9.15 6.75
C ILE A 217 2.06 -8.13 5.93
N GLY A 218 1.60 -6.89 5.94
CA GLY A 218 2.23 -5.86 5.14
C GLY A 218 3.33 -5.15 5.88
N LEU A 219 4.59 -5.52 5.60
CA LEU A 219 5.76 -4.83 6.15
C LEU A 219 6.15 -3.81 5.09
N ASP A 220 5.45 -2.68 5.11
CA ASP A 220 5.37 -1.85 3.92
C ASP A 220 5.99 -0.47 4.07
N GLY A 221 6.59 -0.14 5.21
CA GLY A 221 7.20 1.17 5.37
C GLY A 221 8.67 1.08 5.74
N ILE A 222 9.41 0.14 5.14
CA ILE A 222 10.76 -0.17 5.63
C ILE A 222 11.65 1.07 5.72
N PRO A 223 11.71 1.96 4.73
CA PRO A 223 12.62 3.11 4.87
C PRO A 223 12.09 4.24 5.73
N HIS A 224 10.92 4.10 6.35
CA HIS A 224 10.35 5.19 7.14
C HIS A 224 11.06 5.28 8.48
N SER A 225 11.89 6.31 8.65
CA SER A 225 12.57 6.48 9.92
C SER A 225 13.04 7.91 10.01
N ALA A 226 12.88 8.52 11.19
CA ALA A 226 13.40 9.85 11.47
C ALA A 226 14.66 9.81 12.32
N ILE A 227 15.29 8.64 12.40
CA ILE A 227 16.58 8.54 13.13
C ILE A 227 17.58 9.44 12.38
N GLY A 228 18.30 10.28 13.12
CA GLY A 228 19.21 11.21 12.43
C GLY A 228 18.55 12.55 12.19
N LEU A 229 17.30 12.56 11.73
CA LEU A 229 16.61 13.87 11.61
C LEU A 229 16.70 14.52 12.98
N GLU A 230 17.21 15.75 13.04
CA GLU A 230 17.43 16.45 14.32
C GLU A 230 16.34 17.50 14.54
N ASP A 231 15.62 17.42 15.65
CA ASP A 231 14.62 18.47 15.99
C ASP A 231 13.56 18.63 14.89
N ASN A 232 13.09 17.54 14.29
CA ASN A 232 11.97 17.65 13.32
C ASN A 232 10.78 16.91 13.91
N ALA A 233 9.91 17.62 14.62
CA ALA A 233 8.81 16.95 15.31
C ALA A 233 7.84 16.32 14.32
N SER A 234 7.56 17.01 13.21
CA SER A 234 6.55 16.48 12.28
C SER A 234 7.08 15.26 11.55
N ALA A 235 8.36 15.24 11.21
CA ALA A 235 8.94 14.05 10.59
C ALA A 235 9.02 12.90 11.58
N SER A 236 9.36 13.18 12.85
CA SER A 236 9.42 12.09 13.82
C SER A 236 8.04 11.50 14.09
N ALA A 237 7.01 12.35 14.13
CA ALA A 237 5.67 11.83 14.35
C ALA A 237 5.20 10.95 13.19
N LEU A 238 5.58 11.31 11.96
CA LEU A 238 5.16 10.55 10.80
C LEU A 238 5.97 9.27 10.60
N LEU A 239 7.29 9.37 10.75
CA LEU A 239 8.19 8.29 10.34
C LEU A 239 8.62 7.38 11.47
N GLY A 240 8.57 7.87 12.71
CA GLY A 240 8.97 7.08 13.85
C GLY A 240 10.49 7.08 14.04
N ASN A 241 10.90 6.49 15.16
N ASN A 241 10.83 6.52 15.22
CA ASN A 241 12.29 6.52 15.59
CA ASN A 241 12.22 6.54 15.66
C ASN A 241 12.92 5.13 15.57
C ASN A 241 12.86 5.16 15.63
N ARG A 242 12.26 4.16 14.94
CA ARG A 242 12.83 2.85 14.72
C ARG A 242 13.57 2.85 13.40
N SER A 243 14.70 2.16 13.36
CA SER A 243 15.55 2.18 12.18
C SER A 243 14.95 1.33 11.07
N TRP A 244 15.38 1.59 9.84
CA TRP A 244 14.93 0.74 8.74
C TRP A 244 15.41 -0.69 8.94
N GLN A 245 16.57 -0.88 9.57
CA GLN A 245 17.03 -2.24 9.83
C GLN A 245 16.11 -2.96 10.82
N THR A 246 15.64 -2.26 11.84
CA THR A 246 14.70 -2.87 12.78
C THR A 246 13.42 -3.29 12.06
N ARG A 247 12.90 -2.43 11.18
CA ARG A 247 11.73 -2.80 10.39
C ARG A 247 12.01 -3.99 9.49
N ALA A 248 13.17 -3.97 8.79
CA ALA A 248 13.50 -5.04 7.85
C ALA A 248 13.67 -6.38 8.56
N LEU A 249 14.19 -6.37 9.78
CA LEU A 249 14.37 -7.63 10.50
C LEU A 249 13.06 -8.32 10.84
N LEU A 250 11.93 -7.60 10.80
CA LEU A 250 10.63 -8.26 10.97
C LEU A 250 10.34 -9.20 9.82
N ILE A 251 10.86 -8.90 8.62
CA ILE A 251 10.74 -9.84 7.50
C ILE A 251 11.41 -11.16 7.85
N LYS A 252 12.65 -11.08 8.34
CA LYS A 252 13.36 -12.27 8.78
C LYS A 252 12.61 -12.96 9.92
N ALA A 253 12.06 -12.19 10.86
CA ALA A 253 11.37 -12.81 11.99
C ALA A 253 10.19 -13.66 11.54
N LEU A 254 9.39 -13.13 10.60
CA LEU A 254 8.22 -13.88 10.15
C LEU A 254 8.62 -15.07 9.30
N ILE A 255 9.70 -14.94 8.50
CA ILE A 255 10.25 -16.09 7.80
C ILE A 255 10.62 -17.19 8.79
N ASP A 256 11.29 -16.81 9.87
CA ASP A 256 11.77 -17.80 10.84
C ASP A 256 10.62 -18.45 11.60
N GLN A 257 9.44 -17.85 11.59
CA GLN A 257 8.27 -18.43 12.24
C GLN A 257 7.40 -19.22 11.30
N GLY A 258 7.80 -19.36 10.04
CA GLY A 258 7.08 -20.16 9.07
C GLY A 258 6.11 -19.41 8.18
N TYR A 259 6.17 -18.09 8.17
CA TYR A 259 5.18 -17.29 7.45
C TYR A 259 5.72 -16.67 6.16
N MET A 260 6.75 -17.26 5.54
CA MET A 260 7.34 -16.63 4.37
C MET A 260 6.32 -16.39 3.26
N LYS A 261 5.32 -17.26 3.11
CA LYS A 261 4.34 -17.09 2.04
C LYS A 261 3.31 -16.02 2.34
N GLN A 262 3.33 -15.41 3.52
CA GLN A 262 2.31 -14.44 3.91
C GLN A 262 2.88 -13.05 4.09
N ILE A 263 4.14 -12.83 3.73
CA ILE A 263 4.79 -11.54 3.91
C ILE A 263 4.68 -10.75 2.61
N LEU A 264 4.29 -9.49 2.71
CA LEU A 264 4.37 -8.55 1.59
C LEU A 264 5.19 -7.36 2.04
N VAL A 265 6.16 -6.95 1.20
N VAL A 265 6.18 -6.97 1.23
CA VAL A 265 7.16 -5.94 1.54
CA VAL A 265 7.09 -5.90 1.61
C VAL A 265 7.02 -4.74 0.59
C VAL A 265 6.95 -4.75 0.63
N SER A 266 7.15 -3.53 1.13
CA SER A 266 7.09 -2.36 0.27
C SER A 266 7.75 -1.19 0.99
N ASN A 267 7.79 -0.03 0.30
CA ASN A 267 8.40 1.19 0.83
C ASN A 267 7.39 2.18 1.38
N ASP A 268 6.15 2.12 0.93
CA ASP A 268 5.16 3.16 1.19
C ASP A 268 5.76 4.53 0.86
N TRP A 269 6.34 4.59 -0.33
CA TRP A 269 6.93 5.82 -0.82
C TRP A 269 5.93 6.61 -1.66
N LEU A 270 6.32 7.84 -2.00
CA LEU A 270 5.49 8.75 -2.76
C LEU A 270 6.40 9.67 -3.55
N PHE A 271 5.83 10.30 -4.58
CA PHE A 271 6.56 11.35 -5.30
C PHE A 271 5.99 12.73 -5.08
N GLY A 272 4.75 12.81 -4.59
CA GLY A 272 4.21 14.06 -4.08
C GLY A 272 3.40 13.74 -2.84
N PHE A 273 3.28 14.73 -1.95
CA PHE A 273 2.72 14.46 -0.62
C PHE A 273 2.14 15.78 -0.09
N SER A 274 0.84 16.00 -0.34
CA SER A 274 0.19 17.23 0.10
C SER A 274 -0.64 17.05 1.35
N SER A 275 -0.93 15.81 1.78
CA SER A 275 -1.79 15.61 2.95
C SER A 275 -1.05 15.69 4.27
N TYR A 276 0.17 16.22 4.29
CA TYR A 276 0.93 16.38 5.52
C TYR A 276 1.59 17.76 5.45
N VAL A 277 2.63 17.98 6.26
CA VAL A 277 3.22 19.31 6.36
C VAL A 277 3.91 19.67 5.05
N THR A 278 4.02 20.96 4.78
CA THR A 278 4.73 21.42 3.60
C THR A 278 6.17 20.95 3.64
N ASN A 279 6.68 20.54 2.48
CA ASN A 279 8.07 20.12 2.30
C ASN A 279 8.39 18.78 2.96
N ILE A 280 7.39 18.01 3.40
CA ILE A 280 7.69 16.67 3.92
C ILE A 280 8.34 15.80 2.85
N MET A 281 7.97 16.00 1.57
CA MET A 281 8.57 15.17 0.53
C MET A 281 10.07 15.41 0.43
N ASP A 282 10.49 16.67 0.60
CA ASP A 282 11.93 16.95 0.60
C ASP A 282 12.62 16.25 1.77
N VAL A 283 11.99 16.26 2.95
CA VAL A 283 12.57 15.61 4.11
C VAL A 283 12.66 14.11 3.87
N MET A 284 11.58 13.51 3.38
CA MET A 284 11.60 12.07 3.14
C MET A 284 12.63 11.69 2.10
N ASP A 285 12.75 12.49 1.03
CA ASP A 285 13.75 12.19 0.00
C ASP A 285 15.16 12.31 0.54
N SER A 286 15.40 13.17 1.54
CA SER A 286 16.72 13.21 2.15
C SER A 286 16.98 11.98 3.00
N VAL A 287 15.95 11.45 3.65
CA VAL A 287 16.11 10.23 4.43
C VAL A 287 16.44 9.05 3.51
N ASN A 288 15.72 8.92 2.41
CA ASN A 288 15.80 7.73 1.54
C ASN A 288 15.89 8.19 0.10
N PRO A 289 17.09 8.57 -0.36
CA PRO A 289 17.24 8.99 -1.76
C PRO A 289 16.91 7.89 -2.77
N ASP A 290 16.95 6.63 -2.36
CA ASP A 290 16.61 5.53 -3.26
C ASP A 290 15.11 5.45 -3.53
N GLY A 291 14.28 6.09 -2.72
CA GLY A 291 12.86 6.08 -3.01
C GLY A 291 12.32 4.66 -3.06
N MET A 292 11.57 4.35 -4.13
CA MET A 292 10.97 3.01 -4.23
C MET A 292 12.01 1.94 -4.53
N ALA A 293 13.20 2.31 -4.98
CA ALA A 293 14.25 1.33 -5.17
C ALA A 293 14.87 0.86 -3.85
N PHE A 294 14.43 1.40 -2.71
CA PHE A 294 15.04 1.04 -1.44
C PHE A 294 14.88 -0.46 -1.14
N ILE A 295 13.72 -1.04 -1.43
CA ILE A 295 13.54 -2.46 -1.13
C ILE A 295 14.56 -3.29 -1.92
N PRO A 296 14.64 -3.22 -3.25
CA PRO A 296 15.62 -4.09 -3.93
C PRO A 296 17.06 -3.67 -3.71
N LEU A 297 17.35 -2.38 -3.55
CA LEU A 297 18.75 -1.97 -3.49
C LEU A 297 19.35 -2.12 -2.11
N ARG A 298 18.54 -1.97 -1.05
N ARG A 298 18.56 -1.93 -1.05
CA ARG A 298 19.07 -1.98 0.30
CA ARG A 298 19.08 -1.99 0.31
C ARG A 298 18.50 -3.09 1.17
C ARG A 298 18.51 -3.15 1.12
N VAL A 299 17.20 -3.36 1.07
CA VAL A 299 16.60 -4.33 2.00
C VAL A 299 16.95 -5.76 1.61
N ILE A 300 16.86 -6.09 0.33
CA ILE A 300 17.17 -7.45 -0.10
C ILE A 300 18.62 -7.82 0.18
N PRO A 301 19.62 -7.00 -0.17
CA PRO A 301 20.99 -7.34 0.23
C PRO A 301 21.18 -7.45 1.73
N PHE A 302 20.51 -6.58 2.50
CA PHE A 302 20.59 -6.64 3.95
C PHE A 302 20.12 -7.99 4.48
N LEU A 303 18.96 -8.44 4.00
CA LEU A 303 18.43 -9.72 4.45
C LEU A 303 19.28 -10.89 3.96
N ARG A 304 19.86 -10.79 2.77
CA ARG A 304 20.76 -11.86 2.31
C ARG A 304 21.96 -11.97 3.25
N GLU A 305 22.54 -10.82 3.61
CA GLU A 305 23.65 -10.81 4.55
C GLU A 305 23.25 -11.39 5.90
N LYS A 306 22.00 -11.20 6.30
CA LYS A 306 21.52 -11.77 7.56
C LYS A 306 21.09 -13.23 7.43
N GLY A 307 21.30 -13.86 6.28
CA GLY A 307 21.10 -15.28 6.13
C GLY A 307 19.86 -15.71 5.40
N VAL A 308 19.04 -14.77 4.91
CA VAL A 308 17.87 -15.13 4.11
C VAL A 308 18.33 -15.47 2.70
N SER A 309 17.74 -16.53 2.15
CA SER A 309 18.10 -17.06 0.85
C SER A 309 17.55 -16.18 -0.26
N GLN A 310 18.24 -16.19 -1.39
CA GLN A 310 17.72 -15.54 -2.59
C GLN A 310 16.36 -16.09 -2.96
N GLU A 311 16.20 -17.41 -2.86
CA GLU A 311 14.95 -18.05 -3.26
C GLU A 311 13.78 -17.58 -2.39
N THR A 312 13.99 -17.48 -1.08
CA THR A 312 12.90 -17.03 -0.22
C THR A 312 12.53 -15.58 -0.51
N LEU A 313 13.53 -14.74 -0.77
CA LEU A 313 13.24 -13.35 -1.06
C LEU A 313 12.54 -13.20 -2.41
N ALA A 314 12.89 -14.04 -3.38
CA ALA A 314 12.15 -14.03 -4.64
C ALA A 314 10.70 -14.47 -4.42
N GLY A 315 10.48 -15.45 -3.54
CA GLY A 315 9.12 -15.85 -3.24
C GLY A 315 8.33 -14.71 -2.61
N ILE A 316 8.98 -13.91 -1.76
CA ILE A 316 8.28 -12.84 -1.07
C ILE A 316 7.95 -11.70 -2.03
N THR A 317 8.87 -11.38 -2.94
CA THR A 317 8.71 -10.22 -3.81
C THR A 317 8.04 -10.53 -5.15
N VAL A 318 7.94 -11.81 -5.53
CA VAL A 318 7.33 -12.16 -6.81
C VAL A 318 6.12 -13.07 -6.57
N THR A 319 6.33 -14.19 -5.88
CA THR A 319 5.25 -15.18 -5.76
C THR A 319 4.11 -14.67 -4.89
N ASN A 320 4.43 -14.13 -3.70
CA ASN A 320 3.37 -13.68 -2.80
C ASN A 320 2.52 -12.58 -3.42
N PRO A 321 3.08 -11.52 -4.01
CA PRO A 321 2.21 -10.50 -4.62
C PRO A 321 1.31 -11.06 -5.71
N ALA A 322 1.84 -11.96 -6.55
CA ALA A 322 1.01 -12.55 -7.60
C ALA A 322 -0.14 -13.37 -7.01
N ARG A 323 0.14 -14.15 -5.97
CA ARG A 323 -0.91 -14.94 -5.33
C ARG A 323 -1.95 -14.02 -4.70
N PHE A 324 -1.50 -12.91 -4.11
CA PHE A 324 -2.39 -11.97 -3.46
C PHE A 324 -3.27 -11.23 -4.47
N LEU A 325 -2.66 -10.72 -5.53
CA LEU A 325 -3.38 -9.85 -6.46
C LEU A 325 -4.27 -10.62 -7.41
N SER A 326 -3.93 -11.87 -7.72
N SER A 326 -3.93 -11.86 -7.73
CA SER A 326 -4.74 -12.72 -8.59
CA SER A 326 -4.73 -12.63 -8.67
C SER A 326 -6.17 -12.81 -8.04
C SER A 326 -6.14 -12.85 -8.11
N PRO A 327 -7.18 -12.37 -8.79
CA PRO A 327 -8.54 -12.44 -8.26
C PRO A 327 -8.96 -13.89 -7.98
N THR A 328 -9.46 -14.12 -6.77
CA THR A 328 -9.79 -15.48 -6.30
C THR A 328 -10.96 -15.45 -5.34
C FMT B . -2.52 3.73 2.79
O1 FMT B . -2.44 3.44 4.00
O2 FMT B . -1.63 4.33 2.14
ZN ZN C . 0.38 4.27 2.02
ZN ZN D . -1.42 4.22 5.50
CAC E8N E . 15.94 -20.42 2.28
CAB E8N E . 16.63 -20.37 4.98
CAA E8N E . 14.59 -21.99 5.85
CAD E8N E . 14.20 -20.54 5.62
CAF E8N E . 14.93 -20.91 3.29
CAE E8N E . 15.78 -19.00 2.00
CAH E8N E . 15.95 -18.24 3.28
CAG E8N E . 14.96 -18.62 4.31
CAI E8N E . 15.18 -20.08 4.56
S SO4 F . 22.13 3.56 7.17
O1 SO4 F . 22.06 3.03 8.53
O2 SO4 F . 22.60 2.53 6.25
O3 SO4 F . 23.07 4.68 7.16
O4 SO4 F . 20.82 4.03 6.73
S SO4 G . 5.28 -1.37 19.79
O1 SO4 G . 6.13 -2.51 19.50
O2 SO4 G . 4.14 -1.33 18.85
O3 SO4 G . 4.75 -1.49 21.14
O4 SO4 G . 6.06 -0.14 19.66
C1 EDO H . -17.78 8.77 12.59
O1 EDO H . -18.13 7.50 12.02
C2 EDO H . -16.69 9.41 11.74
O2 EDO H . -17.07 9.27 10.37
P1 VX I . 0.07 6.35 4.31
O1 VX I . 0.58 5.09 3.66
O2 VX I . -0.10 7.39 3.09
C1 VX I . 1.46 7.19 5.07
C2 VX I . -0.80 8.61 3.03
C3 VX I . -0.61 9.15 1.61
O3 VX I . -1.07 6.25 5.28
#